data_8FZO
#
_entry.id   8FZO
#
_cell.length_a   40.920
_cell.length_b   59.650
_cell.length_c   82.250
_cell.angle_alpha   90.000
_cell.angle_beta   99.100
_cell.angle_gamma   90.000
#
_symmetry.space_group_name_H-M   'P 1 21 1'
#
loop_
_entity.id
_entity.type
_entity.pdbx_description
1 polymer '338E6 Fab heavy chain'
2 polymer '338E6 Fab light chain'
3 water water
#
loop_
_entity_poly.entity_id
_entity_poly.type
_entity_poly.pdbx_seq_one_letter_code
_entity_poly.pdbx_strand_id
1 'polypeptide(L)'
;EVKLEESGGDLVKPGGSLKLSCAASGFTFSSYGMSWVRQTPDKRLEWVATISSGGSYTYYPDSVKGRFTISRDNAKNTLY
LQMSSLKSEDTAMYYCARRGFYFDYWGQGTTLTVSSASTKGPSVFPLAPSSKSTSGGTAALGCLVKDYFPEPVTVSWNSG
ALTSGVHTFPAVLQSSGLYSLSSVVTVPSSSLGTQTYICNVNHKPSNTKVDKKVEPKSCDKTHT
;
A
2 'polypeptide(L)'
;ETTVTQSQKFMSTSVGDRVSVTCKASQNVGTNVAWYQQKPGQSPKALIYSASYRYSGVPDRFTGSGSGTDFTLTISNVQS
EDLAEYFCQQYNSYPLTFGQGTKVEIKRTVAAPSVFIFPPSDSQLKSGTASVVCLLNNFYPREAKVQWKVDNALQSGNSQ
ESVTEQDSKDSTYSLSSTLTLSKADYEKHKVYACEVTHQGLSSPVTKSFNRGEC
;
B
#
# COMPACT_ATOMS: atom_id res chain seq x y z
N GLU A 1 -2.70 12.71 -19.53
CA GLU A 1 -3.44 11.99 -20.55
C GLU A 1 -2.75 10.66 -20.90
N VAL A 2 -1.46 10.55 -20.55
CA VAL A 2 -0.77 9.28 -20.69
C VAL A 2 -1.30 8.31 -19.65
N LYS A 3 -1.64 7.09 -20.09
CA LYS A 3 -2.08 6.05 -19.18
C LYS A 3 -1.44 4.74 -19.60
N LEU A 4 -1.13 3.90 -18.60
CA LEU A 4 -0.59 2.57 -18.81
C LEU A 4 -1.36 1.65 -17.87
N GLU A 5 -1.99 0.61 -18.42
CA GLU A 5 -2.87 -0.23 -17.62
C GLU A 5 -2.47 -1.68 -17.77
N GLU A 6 -2.00 -2.27 -16.66
CA GLU A 6 -1.47 -3.62 -16.64
C GLU A 6 -2.58 -4.62 -16.32
N SER A 7 -2.36 -5.85 -16.76
CA SER A 7 -3.25 -6.95 -16.41
C SER A 7 -2.46 -8.23 -16.50
N GLY A 8 -3.02 -9.30 -15.94
CA GLY A 8 -2.46 -10.61 -16.09
C GLY A 8 -1.90 -11.21 -14.82
N GLY A 9 -1.70 -10.43 -13.77
CA GLY A 9 -1.12 -10.97 -12.55
C GLY A 9 -1.99 -12.06 -11.96
N ASP A 10 -1.35 -13.01 -11.31
CA ASP A 10 -2.04 -14.18 -10.76
C ASP A 10 -1.14 -14.89 -9.77
N LEU A 11 -1.71 -15.91 -9.13
CA LEU A 11 -0.92 -16.89 -8.39
C LEU A 11 -0.49 -17.98 -9.37
N VAL A 12 0.80 -18.32 -9.34
CA VAL A 12 1.36 -19.29 -10.27
C VAL A 12 2.27 -20.21 -9.45
N LYS A 13 2.27 -21.50 -9.80
CA LYS A 13 3.15 -22.45 -9.14
C LYS A 13 4.62 -22.15 -9.44
N PRO A 14 5.50 -22.41 -8.47
CA PRO A 14 6.95 -22.32 -8.73
C PRO A 14 7.33 -23.17 -9.93
N GLY A 15 8.09 -22.58 -10.85
CA GLY A 15 8.45 -23.23 -12.09
C GLY A 15 7.50 -22.98 -13.24
N GLY A 16 6.35 -22.37 -12.98
CA GLY A 16 5.36 -22.10 -14.00
C GLY A 16 5.68 -20.85 -14.81
N SER A 17 4.67 -20.40 -15.56
CA SER A 17 4.85 -19.26 -16.46
C SER A 17 3.60 -18.38 -16.39
N LEU A 18 3.77 -17.12 -16.79
CA LEU A 18 2.70 -16.14 -16.77
C LEU A 18 3.08 -15.01 -17.72
N LYS A 19 2.10 -14.48 -18.46
CA LYS A 19 2.32 -13.36 -19.38
C LYS A 19 1.52 -12.14 -18.89
N LEU A 20 2.23 -11.04 -18.64
CA LEU A 20 1.58 -9.78 -18.28
C LEU A 20 1.40 -8.92 -19.52
N SER A 21 0.38 -8.08 -19.48
CA SER A 21 0.08 -7.17 -20.58
C SER A 21 -0.01 -5.75 -20.04
N CYS A 22 0.26 -4.80 -20.92
CA CYS A 22 0.20 -3.39 -20.57
C CYS A 22 -0.41 -2.64 -21.74
N ALA A 23 -1.58 -2.03 -21.52
CA ALA A 23 -2.26 -1.28 -22.57
C ALA A 23 -1.94 0.21 -22.42
N ALA A 24 -1.30 0.79 -23.43
CA ALA A 24 -0.95 2.20 -23.42
C ALA A 24 -2.02 3.03 -24.12
N SER A 25 -2.15 4.31 -23.69
CA SER A 25 -3.01 5.24 -24.38
C SER A 25 -2.54 6.66 -24.09
N GLY A 26 -2.89 7.58 -24.98
CA GLY A 26 -2.64 9.00 -24.76
C GLY A 26 -1.30 9.50 -25.25
N PHE A 27 -0.53 8.68 -25.93
CA PHE A 27 0.73 9.12 -26.53
C PHE A 27 1.02 8.22 -27.72
N THR A 28 1.99 8.63 -28.53
CA THR A 28 2.39 7.82 -29.68
C THR A 28 3.28 6.68 -29.17
N PHE A 29 2.67 5.51 -28.98
CA PHE A 29 3.35 4.37 -28.35
C PHE A 29 4.65 4.02 -29.08
N SER A 30 4.61 4.01 -30.41
CA SER A 30 5.77 3.58 -31.18
C SER A 30 6.95 4.55 -31.12
N SER A 31 6.83 5.71 -30.47
CA SER A 31 7.92 6.67 -30.39
C SER A 31 8.68 6.62 -29.06
N TYR A 32 8.44 5.59 -28.24
CA TYR A 32 9.08 5.50 -26.93
C TYR A 32 9.58 4.09 -26.66
N GLY A 33 10.71 4.00 -25.98
CA GLY A 33 11.06 2.76 -25.30
C GLY A 33 10.06 2.47 -24.21
N MET A 34 10.00 1.19 -23.80
CA MET A 34 9.10 0.79 -22.72
C MET A 34 9.81 -0.19 -21.79
N SER A 35 9.39 -0.21 -20.52
CA SER A 35 10.08 -1.02 -19.53
C SER A 35 9.12 -1.66 -18.54
N TRP A 36 9.63 -2.66 -17.82
CA TRP A 36 8.96 -3.25 -16.66
C TRP A 36 9.84 -3.09 -15.42
N VAL A 37 9.23 -2.68 -14.31
CA VAL A 37 9.90 -2.54 -13.02
C VAL A 37 9.02 -3.24 -11.98
N ARG A 38 9.61 -4.05 -11.11
CA ARG A 38 8.80 -4.71 -10.09
C ARG A 38 9.16 -4.23 -8.69
N GLN A 39 8.20 -4.35 -7.79
CA GLN A 39 8.37 -3.93 -6.40
C GLN A 39 8.07 -5.11 -5.51
N THR A 40 9.07 -5.55 -4.76
CA THR A 40 8.93 -6.73 -3.91
C THR A 40 8.25 -6.37 -2.61
N PRO A 41 7.81 -7.38 -1.84
CA PRO A 41 7.10 -7.08 -0.59
C PRO A 41 7.86 -6.14 0.34
N ASP A 42 9.20 -6.19 0.36
CA ASP A 42 9.98 -5.27 1.18
C ASP A 42 10.00 -3.85 0.61
N LYS A 43 9.33 -3.63 -0.53
CA LYS A 43 9.14 -2.35 -1.22
C LYS A 43 10.35 -1.88 -1.99
N ARG A 44 11.39 -2.71 -2.14
CA ARG A 44 12.47 -2.36 -3.06
C ARG A 44 11.99 -2.47 -4.50
N LEU A 45 12.55 -1.60 -5.36
CA LEU A 45 12.24 -1.58 -6.78
C LEU A 45 13.37 -2.23 -7.56
N GLU A 46 13.01 -3.06 -8.53
CA GLU A 46 13.94 -3.77 -9.39
C GLU A 46 13.50 -3.65 -10.83
N TRP A 47 14.33 -3.00 -11.65
CA TRP A 47 14.10 -2.99 -13.08
C TRP A 47 14.30 -4.40 -13.63
N VAL A 48 13.39 -4.85 -14.49
CA VAL A 48 13.52 -6.22 -15.00
C VAL A 48 13.54 -6.32 -16.51
N ALA A 49 13.15 -5.29 -17.27
CA ALA A 49 13.25 -5.41 -18.74
C ALA A 49 13.01 -4.07 -19.40
N THR A 50 13.71 -3.85 -20.53
CA THR A 50 13.51 -2.69 -21.39
C THR A 50 13.52 -3.14 -22.84
N ILE A 51 12.63 -2.53 -23.66
CA ILE A 51 12.57 -2.76 -25.09
C ILE A 51 12.60 -1.41 -25.81
N SER A 52 13.32 -1.35 -26.94
CA SER A 52 13.38 -0.11 -27.71
C SER A 52 12.05 0.15 -28.39
N SER A 53 11.91 1.35 -28.97
CA SER A 53 10.63 1.76 -29.55
C SER A 53 10.20 0.82 -30.67
N GLY A 54 11.14 0.37 -31.51
CA GLY A 54 10.88 -0.53 -32.62
C GLY A 54 10.98 -2.00 -32.28
N GLY A 55 11.35 -2.33 -31.04
CA GLY A 55 11.40 -3.70 -30.58
C GLY A 55 12.69 -4.44 -30.88
N SER A 56 13.62 -3.78 -31.55
CA SER A 56 14.84 -4.48 -32.01
C SER A 56 15.85 -4.71 -30.89
N TYR A 57 15.93 -3.80 -29.92
CA TYR A 57 16.83 -3.96 -28.78
C TYR A 57 16.05 -4.29 -27.53
N THR A 58 16.54 -5.26 -26.74
CA THR A 58 15.99 -5.55 -25.42
C THR A 58 17.11 -5.68 -24.40
N TYR A 59 16.81 -5.38 -23.15
CA TYR A 59 17.81 -5.39 -22.08
C TYR A 59 17.20 -6.02 -20.84
N TYR A 60 17.98 -6.83 -20.12
CA TYR A 60 17.51 -7.50 -18.92
C TYR A 60 18.60 -7.53 -17.86
N PRO A 61 18.23 -7.59 -16.58
CA PRO A 61 19.22 -7.86 -15.53
C PRO A 61 19.50 -9.36 -15.42
N ASP A 62 20.64 -9.69 -14.78
CA ASP A 62 21.06 -11.10 -14.71
C ASP A 62 20.05 -11.95 -13.95
N SER A 63 19.30 -11.36 -13.02
CA SER A 63 18.36 -12.14 -12.21
C SER A 63 17.23 -12.77 -13.02
N VAL A 64 16.93 -12.22 -14.21
CA VAL A 64 15.81 -12.73 -14.99
C VAL A 64 16.21 -13.14 -16.41
N LYS A 65 17.48 -13.04 -16.79
CA LYS A 65 17.84 -13.28 -18.18
C LYS A 65 17.45 -14.69 -18.64
N GLY A 66 16.87 -14.77 -19.83
CA GLY A 66 16.45 -16.04 -20.39
C GLY A 66 15.17 -16.62 -19.83
N ARG A 67 14.69 -16.10 -18.70
CA ARG A 67 13.42 -16.50 -18.13
C ARG A 67 12.29 -15.52 -18.47
N PHE A 68 12.63 -14.24 -18.60
CA PHE A 68 11.69 -13.18 -18.91
C PHE A 68 11.97 -12.66 -20.32
N THR A 69 10.90 -12.37 -21.07
CA THR A 69 11.00 -11.83 -22.43
C THR A 69 10.04 -10.66 -22.54
N ILE A 70 10.58 -9.49 -22.84
CA ILE A 70 9.73 -8.32 -23.08
C ILE A 70 9.46 -8.20 -24.57
N SER A 71 8.25 -7.76 -24.91
CA SER A 71 7.87 -7.63 -26.32
C SER A 71 6.78 -6.57 -26.41
N ARG A 72 6.52 -6.12 -27.64
CA ARG A 72 5.52 -5.09 -27.83
C ARG A 72 4.82 -5.33 -29.15
N ASP A 73 3.60 -4.80 -29.24
CA ASP A 73 2.81 -4.78 -30.47
C ASP A 73 2.45 -3.33 -30.72
N ASN A 74 3.18 -2.66 -31.61
CA ASN A 74 2.93 -1.23 -31.78
C ASN A 74 1.59 -0.96 -32.44
N ALA A 75 1.10 -1.89 -33.27
CA ALA A 75 -0.21 -1.67 -33.87
C ALA A 75 -1.30 -1.68 -32.81
N LYS A 76 -1.15 -2.51 -31.77
CA LYS A 76 -2.15 -2.63 -30.71
C LYS A 76 -1.91 -1.66 -29.56
N ASN A 77 -0.77 -0.96 -29.52
CA ASN A 77 -0.36 -0.13 -28.37
C ASN A 77 -0.29 -0.96 -27.08
N THR A 78 0.36 -2.13 -27.16
CA THR A 78 0.48 -2.98 -25.98
C THR A 78 1.92 -3.43 -25.77
N LEU A 79 2.26 -3.56 -24.50
CA LEU A 79 3.52 -4.10 -24.04
C LEU A 79 3.26 -5.39 -23.27
N TYR A 80 4.18 -6.35 -23.39
CA TYR A 80 4.04 -7.65 -22.74
C TYR A 80 5.29 -8.00 -21.95
N LEU A 81 5.11 -8.80 -20.90
CA LEU A 81 6.22 -9.46 -20.20
C LEU A 81 5.88 -10.93 -20.08
N GLN A 82 6.59 -11.77 -20.82
CA GLN A 82 6.46 -13.22 -20.69
C GLN A 82 7.43 -13.72 -19.64
N MET A 83 6.90 -14.36 -18.60
CA MET A 83 7.72 -14.82 -17.49
C MET A 83 7.63 -16.35 -17.46
N SER A 84 8.76 -17.03 -17.31
CA SER A 84 8.74 -18.49 -17.22
C SER A 84 9.78 -18.92 -16.19
N SER A 85 9.78 -20.23 -15.89
CA SER A 85 10.64 -20.78 -14.83
C SER A 85 10.55 -19.95 -13.57
N LEU A 86 9.32 -19.65 -13.17
CA LEU A 86 9.07 -18.70 -12.09
C LEU A 86 9.65 -19.19 -10.76
N LYS A 87 10.21 -18.26 -10.00
CA LYS A 87 10.90 -18.53 -8.76
C LYS A 87 10.24 -17.73 -7.65
N SER A 88 10.43 -18.21 -6.42
CA SER A 88 9.82 -17.57 -5.26
C SER A 88 10.17 -16.09 -5.20
N GLU A 89 11.38 -15.73 -5.62
CA GLU A 89 11.85 -14.35 -5.57
C GLU A 89 11.24 -13.47 -6.65
N ASP A 90 10.50 -14.05 -7.60
CA ASP A 90 9.77 -13.27 -8.62
C ASP A 90 8.48 -12.68 -8.08
N THR A 91 8.00 -13.11 -6.92
CA THR A 91 6.78 -12.54 -6.34
C THR A 91 6.95 -11.04 -6.16
N ALA A 92 6.02 -10.27 -6.71
CA ALA A 92 6.15 -8.81 -6.67
C ALA A 92 4.97 -8.15 -7.36
N MET A 93 4.87 -6.83 -7.22
CA MET A 93 3.93 -6.07 -8.04
C MET A 93 4.71 -5.57 -9.25
N TYR A 94 4.19 -5.82 -10.45
CA TYR A 94 4.91 -5.50 -11.67
C TYR A 94 4.32 -4.25 -12.30
N TYR A 95 5.18 -3.29 -12.61
CA TYR A 95 4.79 -2.01 -13.17
C TYR A 95 5.25 -1.90 -14.61
N CYS A 96 4.31 -1.55 -15.49
CA CYS A 96 4.58 -1.07 -16.84
C CYS A 96 5.07 0.37 -16.74
N ALA A 97 6.11 0.73 -17.50
CA ALA A 97 6.64 2.08 -17.44
C ALA A 97 7.02 2.59 -18.84
N ARG A 98 6.83 3.89 -19.05
CA ARG A 98 7.22 4.50 -20.30
C ARG A 98 8.69 4.92 -20.25
N ARG A 99 9.37 4.72 -21.38
CA ARG A 99 10.77 5.04 -21.63
C ARG A 99 11.69 3.90 -21.19
N GLY A 100 12.96 3.99 -21.60
CA GLY A 100 13.88 2.89 -21.42
C GLY A 100 15.05 3.20 -20.50
N PHE A 101 15.14 4.44 -20.01
CA PHE A 101 16.22 4.81 -19.09
C PHE A 101 15.68 5.33 -17.77
N TYR A 102 14.95 6.44 -17.77
CA TYR A 102 14.16 6.85 -16.62
C TYR A 102 12.70 6.71 -17.02
N PHE A 103 11.80 6.71 -16.04
CA PHE A 103 10.44 6.26 -16.28
C PHE A 103 9.46 7.38 -15.94
N ASP A 104 8.99 8.09 -16.97
CA ASP A 104 8.22 9.30 -16.69
C ASP A 104 6.74 9.01 -16.47
N TYR A 105 6.25 7.82 -16.80
CA TYR A 105 4.89 7.39 -16.45
C TYR A 105 4.91 5.92 -16.06
N TRP A 106 4.13 5.58 -15.04
CA TRP A 106 4.04 4.23 -14.53
C TRP A 106 2.59 3.77 -14.56
N GLY A 107 2.37 2.48 -14.80
CA GLY A 107 1.04 1.92 -14.67
C GLY A 107 0.65 1.75 -13.21
N GLN A 108 -0.55 1.18 -13.01
CA GLN A 108 -1.08 0.93 -11.67
C GLN A 108 -0.54 -0.34 -11.04
N GLY A 109 0.02 -1.23 -11.84
CA GLY A 109 0.62 -2.44 -11.30
C GLY A 109 -0.30 -3.64 -11.38
N THR A 110 0.30 -4.81 -11.56
CA THR A 110 -0.39 -6.08 -11.47
C THR A 110 0.49 -7.04 -10.69
N THR A 111 -0.11 -7.90 -9.87
CA THR A 111 0.66 -8.65 -8.87
C THR A 111 0.86 -10.10 -9.28
N LEU A 112 2.09 -10.59 -9.12
CA LEU A 112 2.40 -12.01 -9.27
C LEU A 112 2.74 -12.58 -7.91
N THR A 113 2.14 -13.72 -7.58
CA THR A 113 2.53 -14.49 -6.40
C THR A 113 2.95 -15.87 -6.87
N VAL A 114 4.20 -16.23 -6.60
CA VAL A 114 4.70 -17.56 -6.93
C VAL A 114 4.48 -18.45 -5.71
N SER A 115 3.60 -19.43 -5.84
CA SER A 115 3.22 -20.22 -4.67
C SER A 115 2.60 -21.54 -5.08
N SER A 116 2.89 -22.59 -4.30
CA SER A 116 2.20 -23.87 -4.45
C SER A 116 0.91 -23.93 -3.63
N ALA A 117 0.66 -22.94 -2.76
CA ALA A 117 -0.56 -22.92 -1.98
C ALA A 117 -1.77 -22.62 -2.87
N SER A 118 -2.95 -22.96 -2.37
CA SER A 118 -4.19 -22.69 -3.09
C SER A 118 -4.71 -21.30 -2.77
N THR A 119 -5.39 -20.68 -3.74
CA THR A 119 -6.00 -19.39 -3.48
C THR A 119 -7.28 -19.57 -2.67
N LYS A 120 -7.58 -18.59 -1.83
CA LYS A 120 -8.82 -18.63 -1.06
C LYS A 120 -9.39 -17.23 -0.99
N GLY A 121 -10.66 -17.09 -1.35
CA GLY A 121 -11.32 -15.81 -1.31
C GLY A 121 -11.65 -15.38 0.11
N PRO A 122 -11.81 -14.08 0.32
CA PRO A 122 -12.06 -13.59 1.68
C PRO A 122 -13.49 -13.84 2.13
N SER A 123 -13.65 -13.92 3.44
CA SER A 123 -14.94 -13.74 4.10
C SER A 123 -15.00 -12.31 4.61
N VAL A 124 -16.15 -11.67 4.45
CA VAL A 124 -16.33 -10.26 4.80
C VAL A 124 -17.42 -10.15 5.85
N PHE A 125 -17.11 -9.50 6.97
CA PHE A 125 -18.06 -9.35 8.07
C PHE A 125 -18.24 -7.88 8.42
N PRO A 126 -19.46 -7.46 8.75
CA PRO A 126 -19.70 -6.06 9.11
C PRO A 126 -19.02 -5.68 10.42
N LEU A 127 -18.58 -4.43 10.48
CA LEU A 127 -18.17 -3.78 11.71
C LEU A 127 -19.25 -2.75 11.99
N ALA A 128 -20.22 -3.12 12.83
CA ALA A 128 -21.45 -2.36 12.94
C ALA A 128 -21.25 -1.09 13.77
N PRO A 129 -21.90 0.00 13.40
CA PRO A 129 -21.72 1.26 14.15
C PRO A 129 -22.67 1.45 15.32
N SER A 130 -22.72 2.68 15.83
CA SER A 130 -23.65 3.14 16.89
C SER A 130 -23.64 2.30 18.17
N SER A 135 -25.41 11.44 23.03
CA SER A 135 -24.55 12.20 22.14
C SER A 135 -24.49 11.54 20.76
N GLY A 136 -23.53 11.95 19.93
CA GLY A 136 -23.40 11.39 18.61
C GLY A 136 -22.51 12.21 17.68
N GLY A 137 -23.04 12.57 16.52
CA GLY A 137 -22.27 13.30 15.53
C GLY A 137 -21.55 12.41 14.55
N THR A 138 -20.52 11.69 15.02
CA THR A 138 -19.69 10.84 14.17
C THR A 138 -19.82 9.39 14.60
N ALA A 139 -20.17 8.53 13.65
CA ALA A 139 -20.18 7.09 13.84
C ALA A 139 -19.08 6.45 13.01
N ALA A 140 -18.57 5.32 13.50
CA ALA A 140 -17.56 4.54 12.81
C ALA A 140 -18.15 3.18 12.45
N LEU A 141 -17.85 2.72 11.23
CA LEU A 141 -18.30 1.42 10.77
C LEU A 141 -17.27 0.89 9.79
N GLY A 142 -17.39 -0.38 9.44
CA GLY A 142 -16.40 -0.93 8.53
C GLY A 142 -16.67 -2.38 8.20
N CYS A 143 -15.66 -2.97 7.57
CA CYS A 143 -15.72 -4.37 7.17
C CYS A 143 -14.43 -5.06 7.55
N LEU A 144 -14.58 -6.26 8.09
CA LEU A 144 -13.48 -7.16 8.38
C LEU A 144 -13.35 -8.13 7.21
N VAL A 145 -12.21 -8.12 6.56
CA VAL A 145 -11.94 -8.91 5.36
C VAL A 145 -10.95 -10.00 5.77
N LYS A 146 -11.45 -11.21 5.95
CA LYS A 146 -10.74 -12.25 6.68
C LYS A 146 -10.46 -13.46 5.79
N ASP A 147 -9.30 -14.08 6.02
CA ASP A 147 -8.97 -15.43 5.57
C ASP A 147 -8.87 -15.55 4.04
N TYR A 148 -8.02 -14.70 3.46
CA TYR A 148 -7.79 -14.81 2.02
C TYR A 148 -6.32 -15.05 1.71
N PHE A 149 -6.07 -15.56 0.51
CA PHE A 149 -4.72 -15.79 0.03
C PHE A 149 -4.75 -15.86 -1.48
N PRO A 150 -3.78 -15.25 -2.18
CA PRO A 150 -2.76 -14.38 -1.59
C PRO A 150 -3.24 -12.92 -1.53
N GLU A 151 -2.34 -12.05 -1.10
CA GLU A 151 -2.54 -10.63 -1.31
C GLU A 151 -2.50 -10.34 -2.81
N PRO A 152 -3.11 -9.23 -3.27
CA PRO A 152 -3.87 -8.27 -2.46
C PRO A 152 -5.38 -8.42 -2.60
N VAL A 153 -6.06 -7.72 -1.72
CA VAL A 153 -7.48 -7.43 -1.88
C VAL A 153 -7.60 -5.94 -2.10
N THR A 154 -8.64 -5.51 -2.81
CA THR A 154 -8.94 -4.09 -2.93
C THR A 154 -10.28 -3.86 -2.25
N VAL A 155 -10.37 -2.76 -1.51
CA VAL A 155 -11.59 -2.42 -0.79
C VAL A 155 -12.00 -1.00 -1.17
N SER A 156 -13.26 -0.84 -1.60
CA SER A 156 -13.86 0.47 -1.77
C SER A 156 -15.11 0.55 -0.94
N TRP A 157 -15.70 1.73 -0.90
CA TRP A 157 -16.96 1.95 -0.21
C TRP A 157 -17.93 2.59 -1.18
N ASN A 158 -19.16 2.07 -1.21
CA ASN A 158 -20.19 2.57 -2.12
C ASN A 158 -19.65 2.68 -3.54
N SER A 159 -18.95 1.63 -3.96
CA SER A 159 -18.42 1.47 -5.32
C SER A 159 -17.45 2.59 -5.68
N GLY A 160 -16.70 3.08 -4.70
CA GLY A 160 -15.69 4.09 -4.93
C GLY A 160 -16.15 5.51 -4.76
N ALA A 161 -17.43 5.73 -4.43
CA ALA A 161 -17.97 7.07 -4.25
C ALA A 161 -17.76 7.63 -2.86
N LEU A 162 -17.54 6.77 -1.86
CA LEU A 162 -17.22 7.21 -0.50
C LEU A 162 -15.73 7.01 -0.30
N THR A 163 -15.00 8.12 -0.17
CA THR A 163 -13.56 8.04 0.04
C THR A 163 -13.11 8.86 1.24
N SER A 164 -13.87 9.90 1.59
CA SER A 164 -13.52 10.74 2.73
C SER A 164 -13.62 9.93 4.01
N GLY A 165 -12.57 9.97 4.83
CA GLY A 165 -12.56 9.30 6.10
C GLY A 165 -12.41 7.79 6.07
N VAL A 166 -12.09 7.22 4.92
CA VAL A 166 -11.88 5.78 4.81
C VAL A 166 -10.45 5.46 5.19
N HIS A 167 -10.28 4.43 6.01
CA HIS A 167 -8.96 3.92 6.37
C HIS A 167 -8.98 2.41 6.17
N THR A 168 -8.24 1.94 5.19
CA THR A 168 -8.09 0.52 4.95
C THR A 168 -6.72 0.09 5.43
N PHE A 169 -6.69 -0.81 6.41
CA PHE A 169 -5.45 -1.13 7.07
C PHE A 169 -4.63 -2.13 6.28
N PRO A 170 -3.32 -2.15 6.51
CA PRO A 170 -2.48 -3.18 5.88
C PRO A 170 -2.89 -4.57 6.33
N ALA A 171 -2.78 -5.51 5.40
CA ALA A 171 -3.09 -6.88 5.74
C ALA A 171 -2.06 -7.45 6.71
N VAL A 172 -2.53 -8.36 7.57
CA VAL A 172 -1.65 -9.10 8.47
C VAL A 172 -1.76 -10.58 8.14
N LEU A 173 -0.61 -11.26 8.09
CA LEU A 173 -0.57 -12.70 7.84
C LEU A 173 -0.83 -13.45 9.14
N GLN A 174 -1.86 -14.28 9.14
CA GLN A 174 -2.26 -15.05 10.31
C GLN A 174 -1.46 -16.36 10.35
N SER A 175 -1.54 -17.07 11.48
CA SER A 175 -0.83 -18.35 11.59
C SER A 175 -1.39 -19.38 10.62
N SER A 176 -2.66 -19.26 10.24
CA SER A 176 -3.28 -20.15 9.27
C SER A 176 -2.65 -20.05 7.89
N GLY A 177 -1.80 -19.06 7.66
CA GLY A 177 -1.29 -18.78 6.33
C GLY A 177 -2.19 -17.91 5.48
N LEU A 178 -3.28 -17.39 6.06
CA LEU A 178 -4.22 -16.54 5.36
C LEU A 178 -4.13 -15.10 5.89
N TYR A 179 -4.49 -14.15 5.04
CA TYR A 179 -4.42 -12.73 5.37
C TYR A 179 -5.75 -12.22 5.91
N SER A 180 -5.66 -11.13 6.69
CA SER A 180 -6.84 -10.45 7.20
C SER A 180 -6.55 -8.96 7.31
N LEU A 181 -7.59 -8.16 7.12
CA LEU A 181 -7.51 -6.71 7.31
C LEU A 181 -8.90 -6.19 7.60
N SER A 182 -8.97 -4.95 8.08
CA SER A 182 -10.23 -4.24 8.22
C SER A 182 -10.16 -2.94 7.43
N SER A 183 -11.32 -2.50 6.96
CA SER A 183 -11.48 -1.17 6.37
C SER A 183 -12.59 -0.47 7.13
N VAL A 184 -12.35 0.77 7.56
CA VAL A 184 -13.31 1.50 8.35
C VAL A 184 -13.56 2.86 7.71
N VAL A 185 -14.64 3.49 8.12
CA VAL A 185 -14.96 4.84 7.69
C VAL A 185 -15.78 5.49 8.80
N THR A 186 -15.60 6.80 8.97
CA THR A 186 -16.43 7.57 9.90
C THR A 186 -17.41 8.40 9.10
N VAL A 187 -18.68 8.38 9.52
CA VAL A 187 -19.78 8.98 8.77
C VAL A 187 -20.61 9.84 9.73
N PRO A 188 -21.50 10.70 9.24
CA PRO A 188 -22.40 11.40 10.16
C PRO A 188 -23.40 10.44 10.79
N SER A 189 -23.45 10.45 12.13
CA SER A 189 -24.30 9.50 12.82
C SER A 189 -25.78 9.73 12.56
N SER A 190 -26.16 10.93 12.10
CA SER A 190 -27.57 11.25 11.83
C SER A 190 -28.10 10.57 10.57
N SER A 191 -27.24 9.99 9.74
CA SER A 191 -27.63 9.44 8.45
C SER A 191 -27.71 7.92 8.46
N LEU A 192 -27.44 7.26 9.59
CA LEU A 192 -27.31 5.81 9.59
C LEU A 192 -28.59 5.12 9.12
N GLY A 193 -29.76 5.71 9.41
CA GLY A 193 -31.01 5.11 9.01
C GLY A 193 -31.48 5.40 7.60
N THR A 194 -30.80 6.29 6.90
CA THR A 194 -31.18 6.67 5.53
C THR A 194 -30.08 6.45 4.50
N GLN A 195 -28.83 6.71 4.87
CA GLN A 195 -27.69 6.53 3.97
C GLN A 195 -27.17 5.10 4.04
N THR A 196 -26.93 4.51 2.87
CA THR A 196 -26.50 3.12 2.73
C THR A 196 -24.98 3.06 2.64
N TYR A 197 -24.38 2.09 3.34
CA TYR A 197 -22.93 1.91 3.37
C TYR A 197 -22.59 0.47 3.00
N ILE A 198 -21.90 0.31 1.89
CA ILE A 198 -21.55 -0.98 1.33
C ILE A 198 -20.04 -0.99 1.10
N CYS A 199 -19.35 -1.98 1.65
CA CYS A 199 -17.94 -2.18 1.33
C CYS A 199 -17.84 -3.18 0.18
N ASN A 200 -17.05 -2.82 -0.82
CA ASN A 200 -16.85 -3.65 -2.01
C ASN A 200 -15.46 -4.24 -1.97
N VAL A 201 -15.39 -5.57 -1.89
CA VAL A 201 -14.13 -6.29 -1.72
C VAL A 201 -13.86 -7.08 -3.00
N ASN A 202 -12.71 -6.84 -3.63
CA ASN A 202 -12.33 -7.56 -4.84
C ASN A 202 -11.04 -8.33 -4.57
N HIS A 203 -11.10 -9.65 -4.73
CA HIS A 203 -9.93 -10.51 -4.61
C HIS A 203 -9.70 -11.15 -5.96
N LYS A 204 -8.91 -10.49 -6.81
CA LYS A 204 -8.70 -10.98 -8.16
C LYS A 204 -8.14 -12.39 -8.23
N PRO A 205 -7.15 -12.81 -7.42
CA PRO A 205 -6.59 -14.16 -7.60
C PRO A 205 -7.59 -15.29 -7.43
N SER A 206 -8.67 -15.08 -6.67
CA SER A 206 -9.70 -16.10 -6.51
C SER A 206 -10.96 -15.76 -7.29
N ASN A 207 -10.94 -14.69 -8.08
CA ASN A 207 -12.12 -14.23 -8.81
C ASN A 207 -13.33 -14.10 -7.90
N THR A 208 -13.12 -13.49 -6.73
CA THR A 208 -14.19 -13.31 -5.75
C THR A 208 -14.45 -11.82 -5.53
N LYS A 209 -15.71 -11.42 -5.67
CA LYS A 209 -16.16 -10.08 -5.34
C LYS A 209 -17.26 -10.19 -4.29
N VAL A 210 -17.15 -9.39 -3.23
CA VAL A 210 -18.12 -9.42 -2.15
C VAL A 210 -18.50 -7.98 -1.82
N ASP A 211 -19.79 -7.70 -1.78
CA ASP A 211 -20.32 -6.43 -1.30
C ASP A 211 -21.13 -6.72 -0.05
N LYS A 212 -20.76 -6.07 1.06
CA LYS A 212 -21.48 -6.19 2.31
C LYS A 212 -22.08 -4.85 2.67
N LYS A 213 -23.41 -4.81 2.80
CA LYS A 213 -24.09 -3.66 3.37
C LYS A 213 -23.90 -3.69 4.89
N VAL A 214 -23.41 -2.58 5.45
CA VAL A 214 -23.12 -2.51 6.87
C VAL A 214 -24.23 -1.67 7.52
N GLU A 215 -25.05 -2.33 8.35
CA GLU A 215 -26.23 -1.69 8.92
C GLU A 215 -26.09 -1.51 10.43
N PRO A 216 -26.74 -0.50 11.02
CA PRO A 216 -26.79 -0.32 12.47
C PRO A 216 -27.41 -1.52 13.19
N GLU B 1 27.82 -3.92 -12.01
CA GLU B 1 26.54 -3.19 -11.94
C GLU B 1 26.66 -1.98 -11.02
N THR B 2 26.17 -0.83 -11.48
CA THR B 2 26.25 0.39 -10.70
C THR B 2 25.06 0.45 -9.74
N THR B 3 25.35 0.64 -8.46
CA THR B 3 24.33 0.72 -7.43
C THR B 3 24.12 2.17 -7.00
N VAL B 4 22.93 2.44 -6.47
CA VAL B 4 22.63 3.70 -5.80
C VAL B 4 22.11 3.38 -4.40
N THR B 5 22.58 4.14 -3.41
CA THR B 5 22.35 3.87 -2.00
C THR B 5 21.67 5.07 -1.38
N GLN B 6 20.57 4.83 -0.65
CA GLN B 6 19.90 5.85 0.14
C GLN B 6 20.07 5.45 1.61
N SER B 7 20.89 6.20 2.34
CA SER B 7 21.26 5.80 3.70
C SER B 7 20.21 6.15 4.73
N GLN B 8 19.30 7.07 4.40
CA GLN B 8 18.24 7.52 5.29
C GLN B 8 16.98 6.69 5.02
N LYS B 9 16.63 5.80 5.96
CA LYS B 9 15.37 5.07 5.81
C LYS B 9 14.18 6.00 6.02
N PHE B 10 14.32 7.01 6.90
CA PHE B 10 13.27 7.97 7.23
C PHE B 10 13.87 9.37 7.28
N MET B 11 13.06 10.35 6.90
CA MET B 11 13.38 11.76 7.11
C MET B 11 12.10 12.44 7.55
N SER B 12 12.20 13.31 8.56
CA SER B 12 11.03 13.95 9.14
C SER B 12 11.11 15.46 8.93
N THR B 13 9.95 16.08 8.73
CA THR B 13 9.89 17.51 8.50
C THR B 13 8.48 17.99 8.87
N SER B 14 8.30 19.29 8.88
CA SER B 14 6.99 19.85 9.17
C SER B 14 6.46 20.59 7.96
N VAL B 15 5.15 20.80 7.93
CA VAL B 15 4.55 21.58 6.85
C VAL B 15 5.24 22.92 6.74
N GLY B 16 5.53 23.33 5.50
CA GLY B 16 6.21 24.59 5.24
C GLY B 16 7.71 24.54 5.34
N ASP B 17 8.28 23.50 5.92
CA ASP B 17 9.72 23.38 6.04
C ASP B 17 10.31 22.67 4.82
N ARG B 18 11.61 22.39 4.85
CA ARG B 18 12.25 21.66 3.77
C ARG B 18 12.84 20.35 4.28
N VAL B 19 13.07 19.43 3.35
CA VAL B 19 13.70 18.15 3.65
C VAL B 19 14.58 17.76 2.48
N SER B 20 15.74 17.18 2.77
CA SER B 20 16.67 16.73 1.74
C SER B 20 16.94 15.24 1.92
N VAL B 21 16.98 14.52 0.79
CA VAL B 21 17.17 13.07 0.76
C VAL B 21 18.39 12.78 -0.10
N THR B 22 19.34 12.00 0.43
CA THR B 22 20.58 11.76 -0.26
C THR B 22 20.57 10.43 -1.00
N CYS B 23 21.42 10.35 -2.03
CA CYS B 23 21.52 9.20 -2.92
C CYS B 23 22.95 9.17 -3.43
N LYS B 24 23.62 8.03 -3.25
CA LYS B 24 25.03 7.91 -3.63
C LYS B 24 25.19 6.77 -4.62
N ALA B 25 25.72 7.07 -5.80
CA ALA B 25 26.02 6.04 -6.79
C ALA B 25 27.40 5.46 -6.53
N SER B 26 27.58 4.19 -6.87
CA SER B 26 28.85 3.50 -6.61
C SER B 26 29.95 3.90 -7.58
N GLN B 27 29.63 4.59 -8.67
CA GLN B 27 30.63 5.11 -9.58
C GLN B 27 30.00 6.26 -10.33
N ASN B 28 30.82 7.01 -11.07
CA ASN B 28 30.32 8.20 -11.73
C ASN B 28 29.19 7.86 -12.69
N VAL B 29 28.04 8.53 -12.51
CA VAL B 29 26.88 8.39 -13.39
C VAL B 29 26.54 9.71 -14.07
N GLY B 30 27.44 10.68 -14.02
CA GLY B 30 27.17 11.98 -14.62
C GLY B 30 26.01 12.63 -13.90
N THR B 31 25.01 13.05 -14.68
CA THR B 31 23.75 13.53 -14.12
C THR B 31 22.59 12.59 -14.45
N ASN B 32 22.87 11.32 -14.76
CA ASN B 32 21.83 10.39 -15.19
C ASN B 32 21.19 9.71 -13.98
N VAL B 33 20.44 10.53 -13.24
CA VAL B 33 19.77 10.12 -12.02
C VAL B 33 18.36 10.69 -12.03
N ALA B 34 17.39 9.88 -11.59
CA ALA B 34 16.00 10.27 -11.55
C ALA B 34 15.47 10.11 -10.13
N TRP B 35 14.43 10.87 -9.79
CA TRP B 35 13.77 10.74 -8.50
C TRP B 35 12.30 10.46 -8.74
N TYR B 36 11.72 9.63 -7.86
CA TYR B 36 10.32 9.22 -7.90
C TYR B 36 9.71 9.38 -6.53
N GLN B 37 8.40 9.67 -6.53
CA GLN B 37 7.61 9.80 -5.33
C GLN B 37 6.53 8.74 -5.33
N GLN B 38 6.42 7.97 -4.25
CA GLN B 38 5.42 6.89 -4.16
C GLN B 38 4.56 7.12 -2.92
N LYS B 39 3.36 7.63 -3.14
CA LYS B 39 2.43 7.84 -2.05
C LYS B 39 1.79 6.51 -1.66
N PRO B 40 1.30 6.41 -0.43
CA PRO B 40 0.74 5.13 0.04
C PRO B 40 -0.32 4.59 -0.91
N GLY B 41 -0.17 3.31 -1.26
CA GLY B 41 -1.09 2.62 -2.14
C GLY B 41 -1.10 3.04 -3.58
N GLN B 42 -0.08 3.79 -4.04
CA GLN B 42 -0.04 4.29 -5.40
C GLN B 42 1.24 3.80 -6.08
N SER B 43 1.25 3.85 -7.40
CA SER B 43 2.47 3.59 -8.14
C SER B 43 3.44 4.76 -7.99
N PRO B 44 4.72 4.54 -8.30
CA PRO B 44 5.67 5.66 -8.29
C PRO B 44 5.28 6.70 -9.33
N LYS B 45 5.54 7.97 -8.98
CA LYS B 45 5.34 9.09 -9.89
C LYS B 45 6.66 9.80 -10.10
N ALA B 46 6.91 10.21 -11.35
CA ALA B 46 8.18 10.83 -11.73
C ALA B 46 8.24 12.28 -11.27
N LEU B 47 9.34 12.67 -10.64
CA LEU B 47 9.55 14.03 -10.16
C LEU B 47 10.71 14.73 -10.85
N ILE B 48 11.88 14.09 -10.89
CA ILE B 48 13.13 14.71 -11.32
C ILE B 48 13.81 13.78 -12.31
N TYR B 49 14.37 14.33 -13.38
CA TYR B 49 15.22 13.57 -14.31
C TYR B 49 16.47 14.38 -14.59
N SER B 50 17.52 13.70 -15.08
CA SER B 50 18.84 14.34 -15.29
C SER B 50 19.28 15.15 -14.08
N ALA B 51 19.09 14.56 -12.89
CA ALA B 51 19.53 15.06 -11.58
C ALA B 51 18.78 16.30 -11.12
N SER B 52 18.44 17.22 -12.03
CA SER B 52 17.90 18.51 -11.59
C SER B 52 16.71 19.01 -12.38
N TYR B 53 16.27 18.30 -13.42
CA TYR B 53 15.17 18.79 -14.24
C TYR B 53 13.83 18.34 -13.68
N ARG B 54 12.87 19.27 -13.67
CA ARG B 54 11.52 18.99 -13.19
C ARG B 54 10.63 18.80 -14.40
N TYR B 55 9.80 17.75 -14.37
CA TYR B 55 8.79 17.61 -15.41
C TYR B 55 7.82 18.79 -15.35
N SER B 56 7.18 19.04 -16.49
CA SER B 56 6.05 19.95 -16.51
C SER B 56 5.01 19.45 -15.52
N GLY B 57 4.51 20.35 -14.69
CA GLY B 57 3.54 19.97 -13.69
C GLY B 57 4.11 19.68 -12.33
N VAL B 58 5.42 19.47 -12.23
CA VAL B 58 6.06 19.36 -10.92
C VAL B 58 6.32 20.76 -10.37
N PRO B 59 5.84 21.08 -9.18
CA PRO B 59 6.08 22.43 -8.61
C PRO B 59 7.57 22.73 -8.48
N ASP B 60 7.90 24.03 -8.54
CA ASP B 60 9.29 24.47 -8.43
C ASP B 60 9.87 24.21 -7.05
N ARG B 61 9.04 23.94 -6.05
CA ARG B 61 9.56 23.63 -4.72
C ARG B 61 10.29 22.29 -4.68
N PHE B 62 10.17 21.43 -5.70
CA PHE B 62 10.92 20.20 -5.77
C PHE B 62 12.19 20.48 -6.56
N THR B 63 13.36 20.24 -5.95
CA THR B 63 14.62 20.42 -6.64
C THR B 63 15.51 19.20 -6.47
N GLY B 64 16.47 19.09 -7.37
CA GLY B 64 17.44 18.01 -7.30
C GLY B 64 18.82 18.55 -7.64
N SER B 65 19.83 17.95 -7.06
CA SER B 65 21.19 18.44 -7.28
C SER B 65 22.17 17.27 -7.37
N GLY B 66 23.36 17.57 -7.87
CA GLY B 66 24.43 16.59 -7.84
C GLY B 66 24.91 16.18 -9.21
N SER B 67 26.15 15.70 -9.26
CA SER B 67 26.73 15.16 -10.48
C SER B 67 27.89 14.28 -10.06
N GLY B 68 28.07 13.17 -10.76
CA GLY B 68 29.09 12.22 -10.35
C GLY B 68 28.53 11.11 -9.49
N THR B 69 28.67 11.22 -8.16
CA THR B 69 28.17 10.17 -7.29
C THR B 69 27.18 10.64 -6.23
N ASP B 70 27.14 11.92 -5.87
CA ASP B 70 26.36 12.40 -4.74
C ASP B 70 25.16 13.18 -5.24
N PHE B 71 23.95 12.66 -4.98
CA PHE B 71 22.72 13.27 -5.47
C PHE B 71 21.78 13.55 -4.31
N THR B 72 21.03 14.66 -4.43
CA THR B 72 20.15 15.10 -3.35
C THR B 72 18.81 15.58 -3.92
N LEU B 73 17.72 15.03 -3.40
CA LEU B 73 16.40 15.57 -3.64
C LEU B 73 16.04 16.50 -2.48
N THR B 74 15.62 17.73 -2.78
CA THR B 74 15.17 18.66 -1.76
C THR B 74 13.72 19.06 -2.03
N ILE B 75 12.85 18.85 -1.04
CA ILE B 75 11.48 19.32 -1.09
C ILE B 75 11.39 20.55 -0.18
N SER B 76 11.15 21.71 -0.77
CA SER B 76 10.87 22.92 -0.02
C SER B 76 9.36 23.08 0.14
N ASN B 77 8.96 23.98 1.05
CA ASN B 77 7.54 24.24 1.32
C ASN B 77 6.75 22.94 1.37
N VAL B 78 7.22 22.03 2.21
CA VAL B 78 6.61 20.71 2.34
C VAL B 78 5.12 20.82 2.66
N GLN B 79 4.32 19.98 1.98
CA GLN B 79 2.88 19.90 2.20
C GLN B 79 2.55 18.55 2.82
N SER B 80 1.39 18.48 3.49
CA SER B 80 1.01 17.21 4.11
C SER B 80 0.90 16.11 3.06
N GLU B 81 0.52 16.48 1.84
CA GLU B 81 0.37 15.53 0.74
C GLU B 81 1.69 14.96 0.26
N ASP B 82 2.83 15.48 0.72
CA ASP B 82 4.15 14.97 0.35
C ASP B 82 4.53 13.70 1.13
N LEU B 83 3.68 13.25 2.05
CA LEU B 83 3.92 11.99 2.74
C LEU B 83 4.05 10.87 1.72
N ALA B 84 5.25 10.30 1.58
CA ALA B 84 5.49 9.35 0.51
C ALA B 84 6.87 8.74 0.71
N GLU B 85 7.13 7.68 -0.05
CA GLU B 85 8.46 7.13 -0.15
C GLU B 85 9.12 7.76 -1.37
N TYR B 86 10.38 8.16 -1.24
CA TYR B 86 11.11 8.76 -2.35
C TYR B 86 12.29 7.89 -2.74
N PHE B 87 12.40 7.59 -4.03
CA PHE B 87 13.43 6.71 -4.58
C PHE B 87 14.28 7.44 -5.58
N CYS B 88 15.60 7.23 -5.53
CA CYS B 88 16.47 7.64 -6.62
C CYS B 88 16.79 6.43 -7.50
N GLN B 89 17.30 6.71 -8.70
CA GLN B 89 17.55 5.66 -9.69
C GLN B 89 18.63 6.16 -10.64
N GLN B 90 19.61 5.32 -10.96
CA GLN B 90 20.60 5.71 -11.96
C GLN B 90 20.29 5.05 -13.30
N TYR B 91 20.65 5.75 -14.37
CA TYR B 91 20.46 5.19 -15.71
C TYR B 91 21.60 5.56 -16.63
N ASN B 92 22.80 5.73 -16.05
CA ASN B 92 24.00 5.89 -16.87
C ASN B 92 24.36 4.60 -17.62
N SER B 93 23.93 3.45 -17.11
CA SER B 93 24.22 2.19 -17.74
C SER B 93 23.16 1.17 -17.30
N TYR B 94 22.95 0.15 -18.16
CA TYR B 94 22.25 -1.03 -17.71
C TYR B 94 23.19 -1.92 -16.92
N PRO B 95 22.68 -2.63 -15.90
CA PRO B 95 21.29 -2.62 -15.44
C PRO B 95 20.93 -1.32 -14.71
N LEU B 96 19.71 -0.86 -14.95
CA LEU B 96 19.19 0.29 -14.23
C LEU B 96 18.94 -0.11 -12.78
N THR B 97 19.28 0.78 -11.85
CA THR B 97 19.23 0.41 -10.44
C THR B 97 18.62 1.53 -9.61
N PHE B 98 17.97 1.13 -8.51
CA PHE B 98 17.21 2.01 -7.63
C PHE B 98 17.81 2.02 -6.24
N GLY B 99 17.65 3.15 -5.56
CA GLY B 99 17.88 3.19 -4.13
C GLY B 99 16.75 2.53 -3.38
N GLN B 100 16.98 2.28 -2.09
CA GLN B 100 16.04 1.53 -1.25
C GLN B 100 14.85 2.35 -0.80
N GLY B 101 14.86 3.65 -1.03
CA GLY B 101 13.73 4.46 -0.63
C GLY B 101 13.94 5.14 0.70
N THR B 102 13.41 6.36 0.80
CA THR B 102 13.42 7.14 2.03
C THR B 102 11.99 7.60 2.25
N LYS B 103 11.45 7.32 3.43
CA LYS B 103 10.11 7.75 3.79
C LYS B 103 10.18 9.13 4.42
N VAL B 104 9.51 10.10 3.81
CA VAL B 104 9.39 11.44 4.38
C VAL B 104 8.15 11.46 5.25
N GLU B 105 8.34 11.80 6.52
CA GLU B 105 7.29 11.80 7.53
C GLU B 105 7.01 13.24 7.93
N ILE B 106 5.77 13.49 8.35
CA ILE B 106 5.30 14.85 8.63
C ILE B 106 5.08 14.98 10.13
N LYS B 107 5.81 15.89 10.77
CA LYS B 107 5.49 16.25 12.15
C LYS B 107 4.29 17.19 12.16
N ARG B 108 3.46 17.06 13.20
CA ARG B 108 2.30 17.94 13.34
C ARG B 108 1.96 18.01 14.82
N THR B 109 0.92 18.80 15.14
CA THR B 109 0.53 18.91 16.54
C THR B 109 -0.09 17.61 17.02
N VAL B 110 -0.22 17.50 18.33
CA VAL B 110 -0.80 16.31 18.95
C VAL B 110 -2.28 16.24 18.60
N ALA B 111 -2.76 15.03 18.31
CA ALA B 111 -4.18 14.80 18.06
C ALA B 111 -4.54 13.51 18.78
N ALA B 112 -5.53 13.58 19.70
CA ALA B 112 -5.91 12.39 20.44
C ALA B 112 -6.68 11.45 19.52
N PRO B 113 -6.60 10.13 19.77
CA PRO B 113 -7.42 9.20 19.00
C PRO B 113 -8.88 9.28 19.41
N SER B 114 -9.76 9.03 18.44
CA SER B 114 -11.15 8.68 18.70
C SER B 114 -11.24 7.16 18.69
N VAL B 115 -11.76 6.59 19.77
CA VAL B 115 -11.68 5.14 19.97
C VAL B 115 -13.06 4.53 19.78
N PHE B 116 -13.11 3.38 19.12
CA PHE B 116 -14.33 2.64 18.84
C PHE B 116 -14.05 1.16 19.03
N ILE B 117 -15.05 0.43 19.51
CA ILE B 117 -14.92 -1.01 19.65
C ILE B 117 -16.06 -1.70 18.90
N PHE B 118 -15.75 -2.81 18.24
CA PHE B 118 -16.71 -3.56 17.43
C PHE B 118 -16.73 -5.01 17.89
N PRO B 119 -17.86 -5.51 18.39
CA PRO B 119 -17.95 -6.93 18.72
C PRO B 119 -17.88 -7.78 17.47
N PRO B 120 -17.63 -9.08 17.60
CA PRO B 120 -17.75 -9.96 16.42
C PRO B 120 -19.17 -10.01 15.91
N SER B 121 -19.30 -10.03 14.59
CA SER B 121 -20.61 -10.15 13.96
C SER B 121 -21.16 -11.55 14.16
N ASP B 122 -22.50 -11.65 14.17
CA ASP B 122 -23.10 -12.98 14.27
C ASP B 122 -22.68 -13.86 13.10
N SER B 123 -22.53 -13.28 11.92
CA SER B 123 -22.01 -14.01 10.77
C SER B 123 -20.71 -14.74 11.13
N GLN B 124 -19.77 -14.03 11.76
CA GLN B 124 -18.44 -14.62 11.96
C GLN B 124 -18.46 -15.76 12.96
N LEU B 125 -19.18 -15.60 14.07
CA LEU B 125 -19.15 -16.63 15.10
C LEU B 125 -19.62 -17.97 14.58
N LYS B 126 -20.58 -17.95 13.64
CA LYS B 126 -21.08 -19.17 13.01
C LYS B 126 -19.96 -20.09 12.52
N SER B 127 -18.74 -19.58 12.35
CA SER B 127 -17.64 -20.40 11.87
C SER B 127 -16.54 -20.62 12.92
N GLY B 128 -16.86 -20.43 14.20
CA GLY B 128 -15.98 -20.88 15.26
C GLY B 128 -14.88 -19.93 15.67
N THR B 129 -14.78 -18.76 15.04
CA THR B 129 -13.82 -17.74 15.46
C THR B 129 -14.54 -16.44 15.81
N ALA B 130 -13.89 -15.67 16.68
CA ALA B 130 -14.41 -14.39 17.12
C ALA B 130 -13.32 -13.35 16.99
N SER B 131 -13.54 -12.33 16.16
CA SER B 131 -12.65 -11.18 16.05
C SER B 131 -13.31 -9.98 16.70
N VAL B 132 -12.63 -9.37 17.66
CA VAL B 132 -13.07 -8.14 18.30
C VAL B 132 -12.13 -7.03 17.83
N VAL B 133 -12.70 -5.96 17.30
CA VAL B 133 -11.88 -4.92 16.67
C VAL B 133 -11.96 -3.63 17.49
N CYS B 134 -10.80 -3.10 17.86
CA CYS B 134 -10.69 -1.79 18.47
C CYS B 134 -10.02 -0.85 17.47
N LEU B 135 -10.63 0.30 17.23
CA LEU B 135 -10.16 1.27 16.24
C LEU B 135 -9.71 2.53 16.98
N LEU B 136 -8.50 2.98 16.68
CA LEU B 136 -7.96 4.25 17.15
C LEU B 136 -7.88 5.16 15.93
N ASN B 137 -8.71 6.20 15.86
CA ASN B 137 -8.84 6.96 14.63
C ASN B 137 -8.22 8.35 14.72
N ASN B 138 -7.38 8.68 13.74
CA ASN B 138 -6.88 10.04 13.46
C ASN B 138 -6.13 10.64 14.65
N PHE B 139 -5.03 9.99 15.02
CA PHE B 139 -4.22 10.43 16.15
C PHE B 139 -2.78 10.74 15.72
N TYR B 140 -2.09 11.51 16.57
CA TYR B 140 -0.68 11.83 16.39
C TYR B 140 -0.12 12.24 17.74
N PRO B 141 1.10 11.80 18.12
CA PRO B 141 2.07 11.00 17.36
C PRO B 141 1.75 9.53 17.31
N ARG B 142 2.67 8.75 16.74
CA ARG B 142 2.40 7.34 16.46
C ARG B 142 2.28 6.50 17.73
N GLU B 143 3.04 6.84 18.77
CA GLU B 143 3.03 6.02 19.98
C GLU B 143 1.63 5.92 20.56
N ALA B 144 1.17 4.70 20.77
CA ALA B 144 -0.13 4.49 21.41
C ALA B 144 -0.13 3.11 22.05
N LYS B 145 -0.64 3.03 23.28
CA LYS B 145 -0.73 1.77 24.00
C LYS B 145 -2.18 1.29 23.99
N VAL B 146 -2.38 0.04 23.59
CA VAL B 146 -3.71 -0.55 23.53
C VAL B 146 -3.69 -1.79 24.42
N GLN B 147 -4.63 -1.85 25.36
CA GLN B 147 -4.71 -2.97 26.29
C GLN B 147 -6.08 -3.60 26.17
N TRP B 148 -6.13 -4.90 25.95
CA TRP B 148 -7.37 -5.66 25.90
C TRP B 148 -7.62 -6.26 27.28
N LYS B 149 -8.83 -6.05 27.80
CA LYS B 149 -9.26 -6.69 29.03
C LYS B 149 -10.49 -7.52 28.76
N VAL B 150 -10.49 -8.76 29.22
CA VAL B 150 -11.63 -9.66 29.13
C VAL B 150 -11.99 -10.05 30.55
N ASP B 151 -13.11 -9.55 31.05
CA ASP B 151 -13.46 -9.70 32.46
C ASP B 151 -12.30 -9.25 33.33
N ASN B 152 -11.68 -8.13 32.96
CA ASN B 152 -10.57 -7.49 33.66
C ASN B 152 -9.26 -8.25 33.55
N ALA B 153 -9.21 -9.36 32.84
CA ALA B 153 -7.95 -10.05 32.64
C ALA B 153 -7.23 -9.44 31.45
N LEU B 154 -5.97 -9.04 31.65
CA LEU B 154 -5.20 -8.49 30.55
C LEU B 154 -4.87 -9.59 29.53
N GLN B 155 -5.10 -9.31 28.26
CA GLN B 155 -4.74 -10.21 27.17
C GLN B 155 -3.39 -9.81 26.58
N SER B 156 -2.60 -10.81 26.19
CA SER B 156 -1.29 -10.52 25.60
C SER B 156 -0.86 -11.71 24.76
N GLY B 157 -0.68 -11.49 23.46
CA GLY B 157 -0.29 -12.52 22.52
C GLY B 157 -1.36 -12.88 21.52
N ASN B 158 -2.63 -12.60 21.84
CA ASN B 158 -3.75 -13.01 21.00
C ASN B 158 -4.39 -11.84 20.28
N SER B 159 -3.66 -10.74 20.08
CA SER B 159 -4.16 -9.59 19.35
C SER B 159 -3.06 -9.08 18.43
N GLN B 160 -3.48 -8.40 17.37
CA GLN B 160 -2.56 -7.87 16.36
C GLN B 160 -2.95 -6.45 16.00
N GLU B 161 -1.94 -5.61 15.79
CA GLU B 161 -2.12 -4.21 15.45
C GLU B 161 -1.67 -3.97 14.02
N SER B 162 -2.45 -3.14 13.32
CA SER B 162 -2.11 -2.63 12.00
C SER B 162 -2.34 -1.13 12.00
N VAL B 163 -1.46 -0.40 11.32
CA VAL B 163 -1.48 1.06 11.32
C VAL B 163 -1.45 1.56 9.88
N THR B 164 -2.23 2.61 9.60
CA THR B 164 -2.15 3.24 8.29
C THR B 164 -0.93 4.16 8.22
N GLU B 165 -0.58 4.55 7.01
CA GLU B 165 0.39 5.61 6.81
C GLU B 165 -0.25 6.94 7.18
N GLN B 166 0.58 7.94 7.46
CA GLN B 166 0.04 9.26 7.80
C GLN B 166 -0.89 9.75 6.70
N ASP B 167 -2.04 10.28 7.11
CA ASP B 167 -3.06 10.72 6.16
C ASP B 167 -2.53 11.89 5.34
N SER B 168 -2.82 11.88 4.03
CA SER B 168 -2.28 12.90 3.14
C SER B 168 -2.81 14.28 3.46
N LYS B 169 -3.96 14.38 4.13
CA LYS B 169 -4.61 15.66 4.38
C LYS B 169 -4.34 16.22 5.78
N ASP B 170 -4.36 15.39 6.82
CA ASP B 170 -4.17 15.88 8.18
C ASP B 170 -3.00 15.23 8.91
N SER B 171 -2.26 14.36 8.24
CA SER B 171 -1.02 13.77 8.77
C SER B 171 -1.25 12.89 10.00
N THR B 172 -2.48 12.42 10.24
CA THR B 172 -2.71 11.56 11.38
C THR B 172 -2.54 10.09 11.02
N TYR B 173 -2.39 9.27 12.05
CA TYR B 173 -2.44 7.82 11.94
C TYR B 173 -3.81 7.30 12.35
N SER B 174 -4.13 6.09 11.88
CA SER B 174 -5.21 5.32 12.47
C SER B 174 -4.70 3.91 12.69
N LEU B 175 -5.28 3.24 13.68
CA LEU B 175 -4.76 1.93 14.06
C LEU B 175 -5.92 1.00 14.39
N SER B 176 -5.81 -0.25 13.97
CA SER B 176 -6.71 -1.30 14.42
C SER B 176 -5.95 -2.26 15.34
N SER B 177 -6.61 -2.68 16.41
CA SER B 177 -6.13 -3.78 17.25
C SER B 177 -7.22 -4.83 17.21
N THR B 178 -6.89 -6.04 16.76
CA THR B 178 -7.87 -7.10 16.56
C THR B 178 -7.55 -8.24 17.53
N LEU B 179 -8.49 -8.50 18.44
CA LEU B 179 -8.37 -9.60 19.39
C LEU B 179 -9.08 -10.82 18.79
N THR B 180 -8.34 -11.91 18.63
CA THR B 180 -8.83 -13.11 17.96
C THR B 180 -8.94 -14.23 18.98
N LEU B 181 -10.17 -14.70 19.21
CA LEU B 181 -10.47 -15.71 20.19
C LEU B 181 -11.17 -16.86 19.50
N SER B 182 -11.00 -18.06 20.03
CA SER B 182 -11.93 -19.12 19.67
C SER B 182 -13.32 -18.70 20.11
N LYS B 183 -14.33 -19.07 19.31
CA LYS B 183 -15.70 -18.81 19.73
C LYS B 183 -15.95 -19.39 21.12
N ALA B 184 -15.39 -20.57 21.40
CA ALA B 184 -15.56 -21.18 22.71
C ALA B 184 -14.96 -20.32 23.82
N ASP B 185 -13.79 -19.73 23.58
CA ASP B 185 -13.23 -18.83 24.58
C ASP B 185 -14.03 -17.53 24.66
N TYR B 186 -14.49 -17.03 23.51
CA TYR B 186 -15.25 -15.79 23.50
C TYR B 186 -16.53 -15.91 24.32
N GLU B 187 -17.17 -17.08 24.27
CA GLU B 187 -18.45 -17.25 24.95
C GLU B 187 -18.28 -17.50 26.45
N LYS B 188 -17.05 -17.63 26.93
CA LYS B 188 -16.79 -17.91 28.33
C LYS B 188 -16.70 -16.65 29.19
N HIS B 189 -16.72 -15.46 28.59
CA HIS B 189 -16.54 -14.23 29.34
C HIS B 189 -17.54 -13.18 28.87
N LYS B 190 -17.70 -12.14 29.69
CA LYS B 190 -18.75 -11.14 29.46
C LYS B 190 -18.19 -9.81 28.96
N VAL B 191 -17.30 -9.17 29.70
CA VAL B 191 -16.94 -7.78 29.44
C VAL B 191 -15.71 -7.75 28.54
N TYR B 192 -15.84 -7.11 27.38
CA TYR B 192 -14.74 -6.94 26.43
C TYR B 192 -14.40 -5.46 26.36
N ALA B 193 -13.17 -5.11 26.73
CA ALA B 193 -12.77 -3.72 26.84
C ALA B 193 -11.46 -3.46 26.12
N CYS B 194 -11.41 -2.34 25.41
CA CYS B 194 -10.20 -1.83 24.78
C CYS B 194 -9.82 -0.54 25.49
N GLU B 195 -8.64 -0.51 26.09
CA GLU B 195 -8.13 0.66 26.81
C GLU B 195 -6.95 1.29 26.06
N VAL B 196 -7.00 2.60 25.88
CA VAL B 196 -6.09 3.31 24.99
C VAL B 196 -5.38 4.42 25.77
N THR B 197 -4.06 4.39 25.75
CA THR B 197 -3.21 5.40 26.37
C THR B 197 -2.47 6.16 25.28
N HIS B 198 -2.51 7.49 25.34
CA HIS B 198 -1.93 8.30 24.28
C HIS B 198 -1.68 9.71 24.79
N GLN B 199 -0.62 10.33 24.24
CA GLN B 199 -0.21 11.68 24.65
C GLN B 199 -1.35 12.70 24.59
N GLY B 200 -2.28 12.53 23.67
CA GLY B 200 -3.34 13.51 23.51
C GLY B 200 -4.50 13.34 24.45
N LEU B 201 -4.49 12.28 25.25
CA LEU B 201 -5.57 11.99 26.20
C LEU B 201 -5.10 12.35 27.60
N SER B 202 -5.95 13.05 28.35
CA SER B 202 -5.60 13.40 29.71
C SER B 202 -5.37 12.15 30.56
N SER B 203 -6.13 11.10 30.29
CA SER B 203 -5.97 9.81 30.95
C SER B 203 -6.52 8.75 30.02
N PRO B 204 -6.19 7.47 30.25
CA PRO B 204 -6.62 6.42 29.32
C PRO B 204 -8.12 6.40 29.13
N VAL B 205 -8.53 6.14 27.89
CA VAL B 205 -9.94 6.02 27.53
C VAL B 205 -10.24 4.54 27.27
N THR B 206 -11.42 4.10 27.72
CA THR B 206 -11.84 2.71 27.57
C THR B 206 -13.16 2.62 26.81
N LYS B 207 -13.20 1.78 25.77
CA LYS B 207 -14.43 1.41 25.10
C LYS B 207 -14.70 -0.07 25.36
N SER B 208 -15.96 -0.42 25.58
CA SER B 208 -16.24 -1.78 26.04
C SER B 208 -17.65 -2.18 25.63
N PHE B 209 -17.90 -3.49 25.75
CA PHE B 209 -19.24 -4.02 25.52
C PHE B 209 -19.38 -5.31 26.32
N ASN B 210 -20.63 -5.71 26.51
CA ASN B 210 -20.98 -6.96 27.19
C ASN B 210 -21.43 -7.95 26.12
N ARG B 211 -20.75 -9.10 26.05
CA ARG B 211 -21.13 -10.08 25.06
C ARG B 211 -22.58 -10.49 25.29
N GLY B 212 -23.40 -10.45 24.24
CA GLY B 212 -24.78 -10.82 24.32
C GLY B 212 -25.76 -9.66 24.43
N GLU B 213 -25.28 -8.46 24.75
CA GLU B 213 -26.17 -7.31 24.86
C GLU B 213 -26.19 -6.49 23.59
#